data_9LN2
#
_entry.id   9LN2
#
_cell.length_a   43.858
_cell.length_b   67.988
_cell.length_c   134.307
_cell.angle_alpha   90.00
_cell.angle_beta   90.00
_cell.angle_gamma   90.00
#
_symmetry.space_group_name_H-M   'P 21 21 21'
#
loop_
_entity.id
_entity.type
_entity.pdbx_description
1 polymer 'Butyrophylin 3'
2 non-polymer 'SULFATE ION'
3 non-polymer 'DIMETHYLALLYL S-THIOLODIPHOSPHATE'
4 non-polymer 1,2-ETHANEDIOL
5 water water
#
_entity_poly.entity_id   1
_entity_poly.type   'polypeptide(L)'
_entity_poly.pdbx_seq_one_letter_code
;GAGAGARGEKSQAYAEWKKALFQPADVILDPNTANPILLVSDDQRSLQRADERQNLPDNPERFDWHYCVLGCKSFTSGRH
YWEVEVGDRKEWHIGVCQENVERKCWVKMTPENGFWTVGLTDGSKYRALSDPRTKLTVANPPQRVGVFLDYETGEVSFYN
AMDGSHIYTFPHTFFSGPLWPVFRILTLEPTALTICPALTGEGSSIVPDLVPDLSLENTVAVGPADENGEPQAEVTSLLV
PA
;
_entity_poly.pdbx_strand_id   A,B
#
# COMPACT_ATOMS: atom_id res chain seq x y z
N GLY A 8 -16.90 1.65 -9.70
CA GLY A 8 -18.35 1.69 -9.30
C GLY A 8 -18.48 1.62 -7.78
N GLU A 9 -18.64 0.42 -7.22
CA GLU A 9 -18.48 0.26 -5.74
C GLU A 9 -17.05 0.68 -5.34
N LYS A 10 -16.04 0.25 -6.10
CA LYS A 10 -14.61 0.56 -5.82
C LYS A 10 -14.39 2.07 -5.89
N SER A 11 -14.92 2.75 -6.91
CA SER A 11 -14.89 4.22 -6.96
C SER A 11 -15.59 4.83 -5.75
N GLN A 12 -16.72 4.27 -5.33
CA GLN A 12 -17.52 4.86 -4.23
C GLN A 12 -16.72 4.69 -2.92
N ALA A 13 -16.14 3.52 -2.71
CA ALA A 13 -15.37 3.25 -1.47
C ALA A 13 -14.13 4.16 -1.43
N TYR A 14 -13.51 4.39 -2.57
CA TYR A 14 -12.31 5.28 -2.68
C TYR A 14 -12.71 6.69 -2.29
N ALA A 15 -13.82 7.19 -2.84
CA ALA A 15 -14.38 8.49 -2.44
C ALA A 15 -14.68 8.55 -0.94
N GLU A 16 -15.33 7.54 -0.36
CA GLU A 16 -15.71 7.59 1.08
C GLU A 16 -14.46 7.50 1.95
N TRP A 17 -13.44 6.77 1.51
CA TRP A 17 -12.22 6.66 2.32
C TRP A 17 -11.53 8.04 2.38
N LYS A 18 -11.42 8.71 1.22
CA LYS A 18 -10.82 10.08 1.17
C LYS A 18 -11.55 10.98 2.17
N LYS A 19 -12.89 10.98 2.18
CA LYS A 19 -13.70 11.80 3.12
C LYS A 19 -13.51 11.42 4.59
N ALA A 20 -13.44 10.14 4.92
CA ALA A 20 -13.31 9.70 6.31
C ALA A 20 -11.99 10.23 6.89
N LEU A 21 -10.95 10.32 6.06
CA LEU A 21 -9.61 10.42 6.65
C LEU A 21 -8.82 11.64 6.14
N PHE A 22 -8.93 12.04 4.89
CA PHE A 22 -7.91 12.95 4.28
C PHE A 22 -8.55 14.28 3.90
N GLN A 23 -7.89 15.39 4.24
CA GLN A 23 -8.31 16.75 3.81
C GLN A 23 -7.94 16.95 2.34
N PRO A 24 -8.89 17.36 1.48
CA PRO A 24 -8.57 17.61 0.08
C PRO A 24 -7.71 18.85 -0.03
N ALA A 25 -6.50 18.72 -0.52
CA ALA A 25 -5.62 19.88 -0.69
C ALA A 25 -5.94 20.51 -2.05
N ASP A 26 -5.93 21.83 -2.09
CA ASP A 26 -6.09 22.59 -3.35
C ASP A 26 -4.70 23.06 -3.72
N VAL A 27 -4.04 22.31 -4.61
CA VAL A 27 -2.60 22.47 -4.88
C VAL A 27 -2.44 23.24 -6.19
N ILE A 28 -1.68 24.31 -6.09
CA ILE A 28 -1.20 25.10 -7.25
C ILE A 28 0.32 25.15 -7.23
N LEU A 29 0.89 25.22 -8.42
CA LEU A 29 2.34 25.13 -8.66
C LEU A 29 2.90 26.53 -8.44
N ASP A 30 4.02 26.58 -7.75
CA ASP A 30 4.77 27.82 -7.51
C ASP A 30 5.84 28.00 -8.58
N PRO A 31 5.62 28.92 -9.55
CA PRO A 31 6.60 29.10 -10.61
C PRO A 31 7.98 29.57 -10.17
N ASN A 32 8.11 30.21 -9.00
CA ASN A 32 9.41 30.65 -8.46
C ASN A 32 10.26 29.44 -8.07
N THR A 33 9.66 28.26 -7.89
CA THR A 33 10.44 27.05 -7.51
C THR A 33 10.84 26.26 -8.75
N ALA A 34 10.18 26.48 -9.87
CA ALA A 34 10.26 25.59 -11.05
C ALA A 34 11.64 25.70 -11.69
N ASN A 35 12.24 24.55 -11.97
CA ASN A 35 13.46 24.51 -12.80
C ASN A 35 13.24 25.37 -14.04
N PRO A 36 14.27 26.08 -14.52
CA PRO A 36 14.13 26.96 -15.69
C PRO A 36 13.70 26.33 -17.02
N ILE A 37 13.75 24.99 -17.10
CA ILE A 37 13.25 24.27 -18.29
C ILE A 37 11.75 23.98 -18.18
N LEU A 38 11.13 24.22 -17.01
CA LEU A 38 9.68 23.93 -16.86
C LEU A 38 8.85 25.19 -17.13
N LEU A 39 7.64 24.97 -17.63
CA LEU A 39 6.61 26.01 -17.81
C LEU A 39 5.50 25.63 -16.85
N VAL A 40 5.16 26.56 -16.00
CA VAL A 40 3.93 26.49 -15.18
C VAL A 40 2.83 27.27 -15.89
N SER A 41 1.68 26.68 -16.00
CA SER A 41 0.51 27.29 -16.71
C SER A 41 0.06 28.53 -15.92
N ASP A 42 -0.58 29.45 -16.62
CA ASP A 42 -1.03 30.69 -15.96
C ASP A 42 -2.00 30.39 -14.82
N ASP A 43 -2.78 29.34 -14.89
CA ASP A 43 -3.71 28.99 -13.76
C ASP A 43 -2.97 28.16 -12.67
N GLN A 44 -1.70 27.91 -12.89
CA GLN A 44 -0.79 27.20 -11.94
C GLN A 44 -1.27 25.78 -11.62
N ARG A 45 -2.03 25.14 -12.48
CA ARG A 45 -2.41 23.73 -12.27
C ARG A 45 -1.59 22.82 -13.16
N SER A 46 -0.98 23.33 -14.24
CA SER A 46 -0.39 22.41 -15.24
C SER A 46 1.08 22.72 -15.48
N LEU A 47 1.77 21.68 -15.94
CA LEU A 47 3.25 21.71 -16.05
C LEU A 47 3.65 21.15 -17.42
N GLN A 48 4.53 21.86 -18.11
CA GLN A 48 5.12 21.35 -19.33
C GLN A 48 6.62 21.57 -19.28
N ARG A 49 7.29 21.09 -20.31
CA ARG A 49 8.75 21.26 -20.43
C ARG A 49 9.06 22.09 -21.67
N ALA A 50 10.11 22.90 -21.59
CA ALA A 50 10.65 23.67 -22.71
C ALA A 50 11.73 22.86 -23.45
N ASP A 51 12.07 23.28 -24.66
CA ASP A 51 13.15 22.63 -25.44
C ASP A 51 14.50 22.87 -24.77
N GLU A 52 14.66 23.98 -24.07
CA GLU A 52 15.92 24.33 -23.40
C GLU A 52 15.60 25.21 -22.21
N ARG A 53 16.55 25.37 -21.32
CA ARG A 53 16.39 26.29 -20.17
C ARG A 53 16.01 27.69 -20.64
N GLN A 54 15.02 28.26 -19.99
CA GLN A 54 14.65 29.68 -20.22
C GLN A 54 15.47 30.52 -19.24
N ASN A 55 15.50 31.81 -19.48
CA ASN A 55 16.28 32.75 -18.66
C ASN A 55 15.39 33.14 -17.48
N LEU A 56 15.67 32.62 -16.30
CA LEU A 56 14.93 32.93 -15.07
C LEU A 56 15.97 33.29 -14.01
N PRO A 57 15.59 34.12 -13.03
CA PRO A 57 16.46 34.41 -11.88
C PRO A 57 16.79 33.13 -11.12
N ASP A 58 17.98 33.05 -10.53
CA ASP A 58 18.37 31.85 -9.74
C ASP A 58 18.03 32.10 -8.27
N ASN A 59 16.79 32.42 -7.99
CA ASN A 59 16.38 32.63 -6.58
C ASN A 59 16.54 31.33 -5.81
N PRO A 60 16.74 31.43 -4.49
CA PRO A 60 17.21 30.26 -3.73
C PRO A 60 16.22 29.09 -3.74
N GLU A 61 14.91 29.36 -3.84
CA GLU A 61 13.87 28.31 -3.80
C GLU A 61 13.87 27.51 -5.10
N ARG A 62 14.48 28.01 -6.18
CA ARG A 62 14.31 27.37 -7.49
C ARG A 62 15.17 26.12 -7.60
N PHE A 63 14.60 25.02 -8.06
CA PHE A 63 15.37 23.80 -8.37
C PHE A 63 16.19 24.06 -9.65
N ASP A 64 17.51 24.12 -9.53
CA ASP A 64 18.34 24.51 -10.69
C ASP A 64 18.73 23.27 -11.50
N TRP A 65 18.90 22.13 -10.84
CA TRP A 65 19.33 20.89 -11.52
C TRP A 65 18.13 20.02 -11.87
N HIS A 66 17.39 19.56 -10.87
CA HIS A 66 16.27 18.63 -11.06
C HIS A 66 15.09 19.37 -11.70
N TYR A 67 14.39 18.70 -12.60
CA TYR A 67 13.28 19.27 -13.38
C TYR A 67 12.03 19.24 -12.50
N CYS A 68 12.12 19.87 -11.32
CA CYS A 68 11.13 19.87 -10.22
C CYS A 68 10.44 21.22 -10.10
N VAL A 69 9.23 21.18 -9.54
CA VAL A 69 8.47 22.36 -9.09
C VAL A 69 7.74 21.95 -7.83
N LEU A 70 7.51 22.89 -6.92
CA LEU A 70 6.73 22.65 -5.68
C LEU A 70 5.35 23.28 -5.79
N GLY A 71 4.43 22.76 -4.97
CA GLY A 71 3.18 23.45 -4.61
C GLY A 71 3.42 24.77 -3.91
N CYS A 72 2.34 25.52 -3.69
CA CYS A 72 2.37 26.87 -3.08
C CYS A 72 2.19 26.81 -1.55
N LYS A 73 1.79 25.68 -1.03
CA LYS A 73 1.49 25.50 0.41
C LYS A 73 2.15 24.22 0.91
N SER A 74 2.68 24.25 2.12
CA SER A 74 3.35 23.11 2.76
C SER A 74 2.42 22.47 3.80
N PHE A 75 2.80 21.29 4.21
CA PHE A 75 2.11 20.51 5.26
C PHE A 75 3.09 20.23 6.40
N THR A 76 2.69 20.58 7.62
CA THR A 76 3.51 20.29 8.81
C THR A 76 2.81 19.28 9.71
N SER A 77 1.56 18.95 9.39
CA SER A 77 0.73 18.04 10.22
C SER A 77 -0.47 17.64 9.39
N GLY A 78 -1.07 16.53 9.79
CA GLY A 78 -2.39 16.09 9.33
C GLY A 78 -2.37 15.22 8.09
N ARG A 79 -3.57 14.90 7.65
CA ARG A 79 -3.82 13.96 6.53
C ARG A 79 -4.34 14.79 5.38
N HIS A 80 -3.74 14.62 4.21
CA HIS A 80 -3.99 15.46 3.03
C HIS A 80 -3.97 14.58 1.79
N TYR A 81 -4.80 14.88 0.80
CA TYR A 81 -4.61 14.24 -0.53
C TYR A 81 -4.81 15.27 -1.63
N TRP A 82 -4.22 14.95 -2.78
CA TRP A 82 -4.49 15.64 -4.06
C TRP A 82 -4.37 14.64 -5.17
N GLU A 83 -5.04 14.92 -6.27
CA GLU A 83 -5.03 14.02 -7.44
C GLU A 83 -4.40 14.76 -8.62
N VAL A 84 -3.70 14.00 -9.44
CA VAL A 84 -2.91 14.52 -10.57
C VAL A 84 -3.30 13.78 -11.82
N GLU A 85 -3.73 14.53 -12.83
CA GLU A 85 -4.02 13.94 -14.17
C GLU A 85 -2.68 13.79 -14.89
N VAL A 86 -2.18 12.56 -14.93
CA VAL A 86 -0.94 12.20 -15.68
C VAL A 86 -1.30 11.85 -17.12
N GLY A 87 -2.56 11.50 -17.36
CA GLY A 87 -3.04 11.10 -18.69
C GLY A 87 -2.12 10.07 -19.31
N ASP A 88 -1.80 10.24 -20.61
CA ASP A 88 -0.99 9.22 -21.32
C ASP A 88 0.46 9.70 -21.42
N ARG A 89 0.88 10.58 -20.53
CA ARG A 89 2.33 10.90 -20.44
C ARG A 89 3.13 9.62 -20.33
N LYS A 90 4.30 9.60 -20.96
CA LYS A 90 5.20 8.44 -20.95
C LYS A 90 6.16 8.51 -19.77
N GLU A 91 6.25 9.65 -19.11
CA GLU A 91 7.25 9.98 -18.08
C GLU A 91 6.68 11.04 -17.14
N TRP A 92 6.86 10.80 -15.85
CA TRP A 92 6.50 11.75 -14.78
C TRP A 92 6.90 11.15 -13.44
N HIS A 93 7.09 12.03 -12.46
CA HIS A 93 7.21 11.61 -11.05
C HIS A 93 6.48 12.63 -10.22
N ILE A 94 5.80 12.18 -9.18
CA ILE A 94 5.07 13.08 -8.26
C ILE A 94 5.20 12.55 -6.83
N GLY A 95 5.06 13.45 -5.89
CA GLY A 95 4.96 13.05 -4.48
C GLY A 95 5.15 14.24 -3.58
N VAL A 96 5.96 14.07 -2.54
CA VAL A 96 6.24 15.16 -1.57
C VAL A 96 7.74 15.25 -1.37
N CYS A 97 8.19 16.41 -0.92
CA CYS A 97 9.58 16.53 -0.45
C CYS A 97 9.65 17.50 0.71
N GLN A 98 10.70 17.33 1.49
CA GLN A 98 10.98 18.27 2.58
C GLN A 98 11.35 19.65 2.05
N GLU A 99 11.03 20.64 2.84
CA GLU A 99 11.44 22.04 2.62
C GLU A 99 12.97 22.11 2.47
N ASN A 100 13.72 21.30 3.21
CA ASN A 100 15.19 21.43 3.31
C ASN A 100 15.92 20.63 2.22
N VAL A 101 15.25 20.08 1.23
CA VAL A 101 15.96 19.34 0.14
C VAL A 101 16.95 20.31 -0.53
N GLU A 102 18.00 19.71 -1.04
CA GLU A 102 18.97 20.39 -1.92
C GLU A 102 18.28 20.82 -3.22
N ARG A 103 18.35 22.12 -3.53
CA ARG A 103 17.72 22.70 -4.75
C ARG A 103 18.74 22.98 -5.86
N LYS A 104 20.03 23.08 -5.56
CA LYS A 104 21.01 23.61 -6.56
C LYS A 104 21.90 22.49 -7.09
N CYS A 105 22.64 21.85 -6.20
CA CYS A 105 23.47 20.67 -6.51
C CYS A 105 22.53 19.48 -6.77
N TRP A 106 22.95 18.54 -7.60
CA TRP A 106 22.29 17.23 -7.71
C TRP A 106 22.33 16.56 -6.36
N VAL A 107 21.23 15.94 -6.01
CA VAL A 107 21.15 14.86 -4.97
C VAL A 107 20.28 13.78 -5.57
N LYS A 108 20.47 12.55 -5.14
CA LYS A 108 19.60 11.45 -5.60
C LYS A 108 18.19 11.66 -4.98
N MET A 109 17.13 11.54 -5.78
CA MET A 109 15.75 11.77 -5.29
C MET A 109 15.27 10.54 -4.53
N THR A 110 15.62 10.49 -3.27
CA THR A 110 15.33 9.35 -2.35
C THR A 110 14.81 9.89 -1.03
N PRO A 111 14.12 9.03 -0.24
CA PRO A 111 13.68 9.43 1.10
C PRO A 111 14.82 9.91 2.00
N GLU A 112 15.99 9.26 1.91
CA GLU A 112 17.18 9.68 2.69
C GLU A 112 17.53 11.15 2.41
N ASN A 113 17.32 11.63 1.18
CA ASN A 113 17.58 13.03 0.79
C ASN A 113 16.30 13.89 0.85
N GLY A 114 15.20 13.34 1.35
CA GLY A 114 13.97 14.14 1.65
C GLY A 114 12.97 14.18 0.51
N PHE A 115 13.00 13.20 -0.38
CA PHE A 115 12.02 13.05 -1.50
C PHE A 115 11.25 11.73 -1.39
N TRP A 116 9.92 11.81 -1.52
CA TRP A 116 9.00 10.64 -1.55
C TRP A 116 8.20 10.73 -2.84
N THR A 117 8.68 10.08 -3.88
CA THR A 117 8.04 10.18 -5.22
C THR A 117 7.92 8.81 -5.85
N VAL A 118 6.94 8.68 -6.72
CA VAL A 118 6.78 7.51 -7.62
C VAL A 118 6.55 8.05 -9.03
N GLY A 119 6.71 7.19 -10.01
CA GLY A 119 6.40 7.64 -11.37
C GLY A 119 6.67 6.61 -12.41
N LEU A 120 6.81 7.10 -13.62
CA LEU A 120 6.79 6.32 -14.86
C LEU A 120 7.96 6.79 -15.70
N THR A 121 8.56 5.86 -16.41
CA THR A 121 9.59 6.14 -17.43
C THR A 121 9.31 5.27 -18.66
N ASP A 122 9.62 5.78 -19.86
CA ASP A 122 9.57 5.00 -21.12
C ASP A 122 8.19 4.35 -21.32
N GLY A 123 7.10 4.99 -20.88
CA GLY A 123 5.72 4.62 -21.14
C GLY A 123 5.20 3.50 -20.26
N SER A 124 6.05 2.60 -19.78
CA SER A 124 5.60 1.35 -19.12
C SER A 124 6.37 1.00 -17.84
N LYS A 125 7.43 1.70 -17.46
CA LYS A 125 8.23 1.29 -16.28
C LYS A 125 7.80 2.14 -15.09
N TYR A 126 6.94 1.57 -14.24
CA TYR A 126 6.49 2.23 -13.00
C TYR A 126 7.49 1.91 -11.91
N ARG A 127 7.89 2.92 -11.17
CA ARG A 127 8.94 2.77 -10.11
C ARG A 127 8.59 3.64 -8.91
N ALA A 128 8.89 3.20 -7.70
CA ALA A 128 8.96 4.09 -6.54
C ALA A 128 10.42 4.47 -6.40
N LEU A 129 10.69 5.73 -6.10
CA LEU A 129 12.06 6.24 -5.99
C LEU A 129 12.49 6.10 -4.52
N SER A 130 12.32 4.90 -4.03
CA SER A 130 13.04 4.38 -2.83
C SER A 130 14.51 4.17 -3.23
N ASP A 131 15.35 3.78 -2.28
CA ASP A 131 16.79 3.51 -2.55
C ASP A 131 17.11 2.17 -1.89
N PRO A 132 17.24 1.05 -2.63
CA PRO A 132 17.11 1.03 -4.09
C PRO A 132 15.68 1.29 -4.60
N ARG A 133 15.56 1.62 -5.87
CA ARG A 133 14.24 1.89 -6.53
C ARG A 133 13.39 0.63 -6.45
N THR A 134 12.10 0.80 -6.23
CA THR A 134 11.13 -0.31 -6.19
C THR A 134 10.46 -0.46 -7.54
N LYS A 135 10.57 -1.66 -8.12
CA LYS A 135 9.89 -2.00 -9.35
C LYS A 135 8.42 -2.19 -9.03
N LEU A 136 7.55 -1.44 -9.66
CA LEU A 136 6.11 -1.58 -9.43
C LEU A 136 5.54 -2.43 -10.55
N THR A 137 4.49 -3.18 -10.25
CA THR A 137 3.72 -3.92 -11.26
C THR A 137 2.29 -3.35 -11.20
N VAL A 138 1.85 -2.76 -12.28
CA VAL A 138 0.58 -2.00 -12.34
C VAL A 138 -0.32 -2.58 -13.43
N ALA A 139 -1.41 -3.23 -13.05
CA ALA A 139 -2.23 -3.99 -14.03
C ALA A 139 -2.92 -3.04 -15.01
N ASN A 140 -3.36 -1.89 -14.51
CA ASN A 140 -4.10 -0.86 -15.27
C ASN A 140 -3.33 0.47 -15.12
N PRO A 141 -2.63 0.93 -16.18
CA PRO A 141 -1.90 2.19 -16.14
C PRO A 141 -2.81 3.34 -15.76
N PRO A 142 -2.48 4.09 -14.68
CA PRO A 142 -3.36 5.17 -14.27
C PRO A 142 -3.31 6.42 -15.16
N GLN A 143 -4.46 7.04 -15.36
CA GLN A 143 -4.58 8.37 -16.00
C GLN A 143 -4.59 9.45 -14.93
N ARG A 144 -4.96 9.08 -13.71
CA ARG A 144 -5.15 10.03 -12.59
C ARG A 144 -4.64 9.33 -11.34
N VAL A 145 -3.76 10.01 -10.64
CA VAL A 145 -3.07 9.45 -9.45
C VAL A 145 -3.42 10.31 -8.26
N GLY A 146 -3.81 9.64 -7.18
CA GLY A 146 -3.99 10.30 -5.89
C GLY A 146 -2.75 10.12 -5.04
N VAL A 147 -2.30 11.23 -4.45
CA VAL A 147 -1.16 11.32 -3.51
C VAL A 147 -1.78 11.54 -2.14
N PHE A 148 -1.42 10.70 -1.17
CA PHE A 148 -2.01 10.67 0.18
C PHE A 148 -0.88 10.79 1.22
N LEU A 149 -0.98 11.83 2.03
CA LEU A 149 0.02 12.16 3.06
C LEU A 149 -0.63 12.04 4.43
N ASP A 150 0.02 11.33 5.35
CA ASP A 150 -0.26 11.39 6.81
C ASP A 150 1.03 11.84 7.50
N TYR A 151 1.13 13.10 7.86
CA TYR A 151 2.40 13.67 8.36
C TYR A 151 2.82 12.92 9.66
N GLU A 152 1.89 12.82 10.60
CA GLU A 152 2.18 12.26 11.95
C GLU A 152 2.70 10.82 11.86
N THR A 153 2.16 9.98 10.98
CA THR A 153 2.60 8.56 10.90
C THR A 153 3.70 8.36 9.86
N GLY A 154 4.14 9.44 9.19
CA GLY A 154 5.17 9.35 8.16
C GLY A 154 4.75 8.50 6.99
N GLU A 155 3.53 8.70 6.53
CA GLU A 155 2.97 7.86 5.46
C GLU A 155 2.82 8.67 4.17
N VAL A 156 3.34 8.12 3.08
CA VAL A 156 3.11 8.65 1.72
C VAL A 156 2.62 7.51 0.87
N SER A 157 1.38 7.61 0.36
CA SER A 157 0.84 6.53 -0.49
C SER A 157 0.13 7.08 -1.73
N PHE A 158 0.02 6.21 -2.73
CA PHE A 158 -0.43 6.59 -4.09
C PHE A 158 -1.43 5.56 -4.58
N TYR A 159 -2.49 6.06 -5.23
CA TYR A 159 -3.60 5.27 -5.74
C TYR A 159 -3.94 5.69 -7.15
N ASN A 160 -4.54 4.75 -7.86
CA ASN A 160 -5.23 5.02 -9.14
C ASN A 160 -6.56 5.65 -8.76
N ALA A 161 -6.70 6.94 -9.02
CA ALA A 161 -7.82 7.75 -8.57
C ALA A 161 -9.10 7.38 -9.32
N MET A 162 -8.99 6.66 -10.44
CA MET A 162 -10.20 6.37 -11.25
C MET A 162 -10.81 5.06 -10.80
N ASP A 163 -10.04 4.07 -10.33
CA ASP A 163 -10.59 2.74 -9.99
C ASP A 163 -10.29 2.40 -8.51
N GLY A 164 -9.58 3.27 -7.81
CA GLY A 164 -9.31 3.08 -6.37
C GLY A 164 -8.23 2.07 -6.12
N SER A 165 -7.59 1.53 -7.15
CA SER A 165 -6.52 0.53 -6.90
C SER A 165 -5.29 1.21 -6.26
N HIS A 166 -4.65 0.52 -5.35
CA HIS A 166 -3.42 1.00 -4.70
C HIS A 166 -2.24 0.88 -5.64
N ILE A 167 -1.33 1.84 -5.63
CA ILE A 167 -0.07 1.76 -6.43
C ILE A 167 1.14 1.49 -5.54
N TYR A 168 1.36 2.30 -4.52
CA TYR A 168 2.56 2.22 -3.67
C TYR A 168 2.36 2.96 -2.36
N THR A 169 2.97 2.42 -1.32
CA THR A 169 3.12 3.07 -0.01
C THR A 169 4.59 2.98 0.37
N PHE A 170 5.20 4.11 0.70
CA PHE A 170 6.59 4.10 1.19
C PHE A 170 6.58 3.51 2.60
N PRO A 171 7.72 2.97 3.04
CA PRO A 171 7.83 2.59 4.43
C PRO A 171 7.48 3.82 5.27
N HIS A 172 6.82 3.61 6.39
CA HIS A 172 6.52 4.69 7.33
C HIS A 172 7.86 5.28 7.79
N THR A 173 7.91 6.60 7.91
CA THR A 173 9.17 7.29 8.23
C THR A 173 8.89 8.33 9.31
N PHE A 174 9.90 9.15 9.58
CA PHE A 174 9.82 10.37 10.40
C PHE A 174 10.19 11.56 9.53
N PHE A 175 9.22 12.44 9.29
CA PHE A 175 9.47 13.67 8.49
C PHE A 175 10.19 14.69 9.34
N SER A 176 11.06 15.46 8.70
CA SER A 176 11.72 16.62 9.34
C SER A 176 11.25 17.90 8.63
N GLY A 177 10.50 18.73 9.34
CA GLY A 177 10.14 20.05 8.82
C GLY A 177 8.94 19.94 7.87
N PRO A 178 8.57 21.03 7.18
CA PRO A 178 7.39 21.03 6.31
C PRO A 178 7.65 20.17 5.08
N LEU A 179 6.57 19.62 4.56
CA LEU A 179 6.57 18.87 3.30
C LEU A 179 5.85 19.70 2.27
N TRP A 180 6.34 19.59 1.06
CA TRP A 180 5.74 20.28 -0.10
C TRP A 180 5.34 19.23 -1.14
N PRO A 181 4.20 19.41 -1.84
CA PRO A 181 3.94 18.65 -3.06
C PRO A 181 5.07 18.93 -4.05
N VAL A 182 5.53 17.88 -4.71
CA VAL A 182 6.59 18.03 -5.72
C VAL A 182 6.18 17.31 -6.98
N PHE A 183 6.57 17.88 -8.13
CA PHE A 183 6.23 17.36 -9.45
C PHE A 183 7.49 17.43 -10.30
N ARG A 184 7.70 16.40 -11.11
CA ARG A 184 8.90 16.32 -11.98
C ARG A 184 8.53 15.73 -13.34
N ILE A 185 8.94 16.40 -14.41
CA ILE A 185 8.85 15.86 -15.79
C ILE A 185 10.19 16.03 -16.46
N LEU A 186 10.66 15.00 -17.15
CA LEU A 186 12.00 15.03 -17.78
C LEU A 186 11.88 15.17 -19.29
N THR A 187 10.75 14.79 -19.85
CA THR A 187 10.58 14.66 -21.31
C THR A 187 9.86 15.85 -21.91
N LEU A 188 9.98 15.97 -23.22
CA LEU A 188 9.25 16.97 -24.03
C LEU A 188 8.23 16.18 -24.84
N GLU A 189 6.98 16.12 -24.37
CA GLU A 189 5.94 15.29 -24.98
C GLU A 189 4.61 16.03 -24.89
N PRO A 190 3.63 15.69 -25.73
CA PRO A 190 2.39 16.48 -25.86
C PRO A 190 1.46 16.66 -24.66
N THR A 191 1.36 15.67 -23.79
CA THR A 191 0.41 15.70 -22.64
C THR A 191 1.06 16.39 -21.47
N ALA A 192 0.41 17.40 -20.91
CA ALA A 192 0.92 18.11 -19.73
C ALA A 192 0.67 17.24 -18.48
N LEU A 193 1.29 17.58 -17.37
CA LEU A 193 0.88 17.11 -16.04
C LEU A 193 -0.10 18.17 -15.50
N THR A 194 -1.28 17.78 -15.05
CA THR A 194 -2.30 18.71 -14.55
C THR A 194 -2.84 18.29 -13.19
N ILE A 195 -2.82 19.19 -12.25
CA ILE A 195 -3.38 18.96 -10.90
C ILE A 195 -4.89 19.10 -11.00
N CYS A 196 -5.60 18.17 -10.36
CA CYS A 196 -7.06 18.30 -10.17
C CYS A 196 -7.39 19.21 -8.99
N PRO A 197 -8.24 20.22 -9.19
CA PRO A 197 -8.56 21.10 -8.08
C PRO A 197 -9.38 20.34 -7.03
N ALA A 198 -9.32 20.79 -5.78
CA ALA A 198 -10.07 20.24 -4.62
C ALA A 198 -11.60 20.31 -4.88
N GLY B 8 16.13 0.52 10.69
CA GLY B 8 16.06 0.71 12.19
C GLY B 8 15.12 1.85 12.54
N GLU B 9 15.32 3.01 11.92
CA GLU B 9 14.35 4.14 11.95
C GLU B 9 13.04 3.64 11.32
N LYS B 10 13.15 2.77 10.33
CA LYS B 10 11.96 2.27 9.59
C LYS B 10 11.20 1.32 10.53
N SER B 11 11.91 0.52 11.32
CA SER B 11 11.27 -0.32 12.37
C SER B 11 10.56 0.53 13.42
N GLN B 12 11.20 1.61 13.88
CA GLN B 12 10.61 2.49 14.90
C GLN B 12 9.33 3.13 14.31
N ALA B 13 9.42 3.69 13.11
CA ALA B 13 8.28 4.37 12.46
C ALA B 13 7.13 3.36 12.28
N TYR B 14 7.44 2.14 11.87
CA TYR B 14 6.41 1.06 11.69
C TYR B 14 5.76 0.82 13.06
N ALA B 15 6.55 0.67 14.11
CA ALA B 15 6.04 0.47 15.48
C ALA B 15 5.17 1.64 15.91
N GLU B 16 5.58 2.88 15.64
CA GLU B 16 4.82 4.05 16.12
C GLU B 16 3.52 4.18 15.33
N TRP B 17 3.52 3.78 14.07
CA TRP B 17 2.33 3.93 13.20
C TRP B 17 1.30 2.91 13.70
N LYS B 18 1.72 1.68 13.91
CA LYS B 18 0.72 0.64 14.23
C LYS B 18 0.13 0.96 15.63
N LYS B 19 0.96 1.45 16.54
CA LYS B 19 0.52 1.86 17.88
C LYS B 19 -0.41 3.08 17.80
N ALA B 20 -0.17 4.02 16.89
CA ALA B 20 -0.95 5.29 16.88
C ALA B 20 -2.37 5.05 16.37
N LEU B 21 -2.56 4.13 15.42
CA LEU B 21 -3.82 4.02 14.67
C LEU B 21 -4.49 2.66 14.80
N PHE B 22 -3.79 1.59 15.16
CA PHE B 22 -4.39 0.22 15.03
C PHE B 22 -4.43 -0.45 16.41
N GLN B 23 -5.59 -1.02 16.74
CA GLN B 23 -5.78 -1.84 17.95
C GLN B 23 -5.01 -3.13 17.75
N PRO B 24 -4.09 -3.47 18.66
CA PRO B 24 -3.32 -4.69 18.55
C PRO B 24 -4.23 -5.89 18.84
N ALA B 25 -4.43 -6.77 17.87
CA ALA B 25 -5.23 -7.99 18.05
C ALA B 25 -4.35 -9.12 18.60
N ASP B 26 -4.90 -9.83 19.56
CA ASP B 26 -4.28 -11.05 20.10
C ASP B 26 -5.05 -12.22 19.51
N VAL B 27 -4.49 -12.80 18.46
CA VAL B 27 -5.22 -13.76 17.60
C VAL B 27 -4.77 -15.18 17.96
N ILE B 28 -5.75 -16.05 18.16
CA ILE B 28 -5.51 -17.50 18.34
C ILE B 28 -6.41 -18.24 17.36
N LEU B 29 -5.90 -19.36 16.86
CA LEU B 29 -6.61 -20.20 15.87
C LEU B 29 -7.71 -20.98 16.56
N ASP B 30 -8.87 -21.05 15.92
CA ASP B 30 -10.03 -21.85 16.36
C ASP B 30 -9.96 -23.19 15.68
N PRO B 31 -9.49 -24.25 16.39
CA PRO B 31 -9.37 -25.56 15.77
C PRO B 31 -10.71 -26.12 15.28
N ASN B 32 -11.85 -25.67 15.82
CA ASN B 32 -13.20 -26.12 15.38
C ASN B 32 -13.52 -25.64 13.95
N THR B 33 -12.89 -24.55 13.49
CA THR B 33 -13.13 -24.03 12.12
C THR B 33 -12.16 -24.68 11.13
N ALA B 34 -11.09 -25.32 11.58
CA ALA B 34 -9.95 -25.68 10.72
C ALA B 34 -10.34 -26.83 9.83
N ASN B 35 -10.03 -26.69 8.55
CA ASN B 35 -10.10 -27.85 7.64
C ASN B 35 -9.47 -29.06 8.33
N PRO B 36 -10.03 -30.29 8.17
CA PRO B 36 -9.44 -31.48 8.79
C PRO B 36 -7.98 -31.84 8.44
N ILE B 37 -7.44 -31.34 7.34
CA ILE B 37 -6.01 -31.62 7.01
C ILE B 37 -5.10 -30.67 7.81
N LEU B 38 -5.65 -29.70 8.56
CA LEU B 38 -4.82 -28.70 9.29
C LEU B 38 -4.57 -29.20 10.71
N LEU B 39 -3.40 -28.85 11.24
CA LEU B 39 -3.00 -29.09 12.65
C LEU B 39 -2.82 -27.76 13.34
N VAL B 40 -3.63 -27.54 14.37
CA VAL B 40 -3.54 -26.33 15.22
C VAL B 40 -2.79 -26.75 16.48
N SER B 41 -1.81 -25.94 16.85
CA SER B 41 -0.96 -26.21 18.04
C SER B 41 -1.80 -26.09 19.31
N ASP B 42 -1.30 -26.69 20.39
CA ASP B 42 -1.96 -26.65 21.72
C ASP B 42 -2.17 -25.19 22.15
N ASP B 43 -1.19 -24.30 21.89
CA ASP B 43 -1.30 -22.90 22.36
C ASP B 43 -2.10 -22.05 21.35
N GLN B 44 -2.56 -22.68 20.27
CA GLN B 44 -3.48 -22.05 19.26
C GLN B 44 -2.76 -20.91 18.55
N ARG B 45 -1.44 -20.86 18.56
CA ARG B 45 -0.71 -19.82 17.78
C ARG B 45 -0.17 -20.35 16.48
N SER B 46 0.02 -21.68 16.33
CA SER B 46 0.81 -22.22 15.19
C SER B 46 -0.05 -23.15 14.36
N LEU B 47 0.24 -23.15 13.07
CA LEU B 47 -0.56 -23.91 12.10
C LEU B 47 0.39 -24.77 11.26
N GLN B 48 0.07 -26.06 11.12
CA GLN B 48 0.81 -26.96 10.22
C GLN B 48 -0.20 -27.75 9.41
N ARG B 49 0.27 -28.38 8.35
CA ARG B 49 -0.60 -29.27 7.53
C ARG B 49 -0.28 -30.73 7.88
N ALA B 50 -1.30 -31.54 8.03
CA ALA B 50 -1.15 -33.01 8.17
C ALA B 50 -0.87 -33.64 6.79
N ASP B 51 -0.28 -34.83 6.78
CA ASP B 51 -0.18 -35.68 5.56
C ASP B 51 -1.57 -35.90 4.95
N GLU B 52 -2.55 -36.22 5.80
CA GLU B 52 -3.91 -36.61 5.34
C GLU B 52 -4.96 -35.92 6.19
N ARG B 53 -6.17 -35.79 5.66
CA ARG B 53 -7.33 -35.30 6.46
C ARG B 53 -7.48 -36.18 7.67
N GLN B 54 -7.58 -35.54 8.83
CA GLN B 54 -7.95 -36.18 10.12
C GLN B 54 -9.45 -36.47 10.13
N ASN B 55 -9.87 -37.44 10.92
CA ASN B 55 -11.32 -37.75 11.06
C ASN B 55 -11.86 -36.80 12.13
N LEU B 56 -12.51 -35.72 11.69
CA LEU B 56 -13.04 -34.69 12.63
C LEU B 56 -14.48 -34.48 12.20
N PRO B 57 -15.34 -34.02 13.11
CA PRO B 57 -16.72 -33.77 12.70
C PRO B 57 -16.90 -32.58 11.78
N ASP B 58 -17.74 -32.79 10.76
CA ASP B 58 -18.08 -31.75 9.78
C ASP B 58 -19.17 -30.87 10.38
N ASN B 59 -18.86 -30.23 11.51
CA ASN B 59 -19.78 -29.26 12.13
C ASN B 59 -19.86 -28.05 11.21
N PRO B 60 -20.95 -27.29 11.27
CA PRO B 60 -21.19 -26.22 10.29
C PRO B 60 -20.07 -25.18 10.19
N GLU B 61 -19.40 -24.87 11.30
CA GLU B 61 -18.37 -23.81 11.32
C GLU B 61 -17.08 -24.29 10.65
N ARG B 62 -16.91 -25.58 10.34
CA ARG B 62 -15.61 -26.09 9.87
C ARG B 62 -15.48 -25.87 8.35
N PHE B 63 -14.34 -25.32 7.90
CA PHE B 63 -13.99 -25.28 6.48
C PHE B 63 -13.77 -26.73 6.03
N ASP B 64 -14.53 -27.18 5.04
CA ASP B 64 -14.43 -28.58 4.58
C ASP B 64 -13.69 -28.63 3.23
N TRP B 65 -13.67 -27.53 2.47
CA TRP B 65 -13.08 -27.55 1.12
C TRP B 65 -11.71 -26.83 1.14
N HIS B 66 -11.71 -25.52 1.40
CA HIS B 66 -10.44 -24.76 1.49
C HIS B 66 -9.68 -25.19 2.74
N TYR B 67 -8.35 -25.14 2.65
CA TYR B 67 -7.46 -25.53 3.75
C TYR B 67 -7.27 -24.31 4.64
N CYS B 68 -8.38 -23.80 5.18
CA CYS B 68 -8.49 -22.56 5.99
C CYS B 68 -8.81 -22.87 7.45
N VAL B 69 -8.43 -21.93 8.29
CA VAL B 69 -8.82 -21.88 9.72
C VAL B 69 -9.02 -20.42 10.07
N LEU B 70 -9.93 -20.15 11.01
CA LEU B 70 -10.25 -18.79 11.49
C LEU B 70 -9.60 -18.51 12.83
N GLY B 71 -9.50 -17.24 13.18
CA GLY B 71 -9.23 -16.83 14.57
C GLY B 71 -10.43 -17.12 15.44
N CYS B 72 -10.30 -16.84 16.72
CA CYS B 72 -11.32 -17.02 17.78
C CYS B 72 -12.13 -15.74 18.04
N LYS B 73 -11.80 -14.65 17.37
CA LYS B 73 -12.56 -13.40 17.49
C LYS B 73 -12.62 -12.70 16.14
N SER B 74 -13.76 -12.11 15.86
CA SER B 74 -14.03 -11.33 14.64
C SER B 74 -14.00 -9.84 14.94
N PHE B 75 -14.04 -9.02 13.89
CA PHE B 75 -14.09 -7.55 13.97
C PHE B 75 -15.34 -7.08 13.22
N THR B 76 -16.17 -6.25 13.87
CA THR B 76 -17.32 -5.58 13.21
C THR B 76 -17.10 -4.07 13.12
N SER B 77 -16.07 -3.55 13.79
CA SER B 77 -15.68 -2.12 13.76
C SER B 77 -14.20 -1.99 14.11
N GLY B 78 -13.66 -0.82 13.83
CA GLY B 78 -12.32 -0.45 14.28
C GLY B 78 -11.20 -0.87 13.36
N ARG B 79 -10.04 -0.37 13.70
CA ARG B 79 -8.75 -0.72 13.07
C ARG B 79 -8.05 -1.72 13.96
N HIS B 80 -7.49 -2.75 13.35
CA HIS B 80 -6.83 -3.87 14.06
C HIS B 80 -5.62 -4.34 13.30
N TYR B 81 -4.62 -4.85 14.01
CA TYR B 81 -3.47 -5.47 13.33
C TYR B 81 -3.02 -6.69 14.11
N TRP B 82 -2.41 -7.59 13.39
CA TRP B 82 -1.69 -8.73 14.01
C TRP B 82 -0.55 -9.13 13.09
N GLU B 83 0.46 -9.77 13.62
CA GLU B 83 1.61 -10.19 12.81
C GLU B 83 1.75 -11.71 12.89
N VAL B 84 2.24 -12.26 11.80
CA VAL B 84 2.38 -13.72 11.61
C VAL B 84 3.82 -13.99 11.18
N GLU B 85 4.48 -14.89 11.90
CA GLU B 85 5.80 -15.41 11.45
C GLU B 85 5.56 -16.46 10.38
N VAL B 86 5.80 -16.11 9.12
CA VAL B 86 5.75 -17.03 7.96
C VAL B 86 7.12 -17.69 7.78
N GLY B 87 8.15 -17.14 8.40
CA GLY B 87 9.53 -17.67 8.28
C GLY B 87 9.84 -18.03 6.84
N ASP B 88 10.47 -19.19 6.60
CA ASP B 88 10.85 -19.59 5.23
C ASP B 88 9.79 -20.52 4.60
N ARG B 89 8.58 -20.58 5.15
N ARG B 89 8.58 -20.58 5.15
CA ARG B 89 7.54 -21.47 4.58
CA ARG B 89 7.54 -21.47 4.58
C ARG B 89 7.30 -21.10 3.12
C ARG B 89 7.31 -21.10 3.11
N LYS B 90 7.30 -22.10 2.22
CA LYS B 90 7.29 -21.85 0.76
C LYS B 90 5.88 -21.55 0.25
N GLU B 91 4.86 -21.73 1.11
CA GLU B 91 3.45 -21.59 0.67
C GLU B 91 2.63 -21.18 1.89
N TRP B 92 1.79 -20.14 1.73
CA TRP B 92 0.88 -19.64 2.79
C TRP B 92 0.07 -18.49 2.20
N HIS B 93 -1.15 -18.36 2.69
CA HIS B 93 -1.99 -17.17 2.41
C HIS B 93 -2.72 -16.79 3.68
N ILE B 94 -2.75 -15.49 3.97
CA ILE B 94 -3.36 -14.96 5.21
C ILE B 94 -4.12 -13.71 4.88
N GLY B 95 -5.03 -13.37 5.78
CA GLY B 95 -5.79 -12.11 5.71
C GLY B 95 -7.04 -12.20 6.54
N VAL B 96 -8.15 -11.74 5.98
CA VAL B 96 -9.45 -11.71 6.68
C VAL B 96 -10.49 -12.27 5.74
N CYS B 97 -11.57 -12.81 6.30
CA CYS B 97 -12.76 -13.18 5.51
C CYS B 97 -14.03 -12.87 6.28
N GLN B 98 -15.13 -12.76 5.54
CA GLN B 98 -16.47 -12.54 6.13
C GLN B 98 -16.94 -13.78 6.86
N GLU B 99 -17.70 -13.56 7.93
CA GLU B 99 -18.39 -14.65 8.67
C GLU B 99 -19.22 -15.52 7.70
N ASN B 100 -19.79 -14.92 6.66
CA ASN B 100 -20.76 -15.58 5.77
C ASN B 100 -20.12 -16.22 4.54
N VAL B 101 -18.79 -16.40 4.51
CA VAL B 101 -18.16 -17.11 3.38
C VAL B 101 -18.71 -18.53 3.29
N GLU B 102 -18.65 -19.07 2.07
CA GLU B 102 -18.97 -20.49 1.79
C GLU B 102 -17.85 -21.31 2.42
N ARG B 103 -18.16 -22.15 3.40
CA ARG B 103 -17.15 -23.01 4.09
C ARG B 103 -17.14 -24.45 3.58
N LYS B 104 -18.18 -24.89 2.85
CA LYS B 104 -18.33 -26.33 2.55
C LYS B 104 -18.06 -26.62 1.09
N CYS B 105 -18.52 -25.75 0.19
CA CYS B 105 -18.44 -25.96 -1.28
C CYS B 105 -17.22 -25.21 -1.82
N TRP B 106 -16.76 -25.62 -3.00
CA TRP B 106 -15.68 -24.92 -3.71
C TRP B 106 -16.17 -23.49 -3.99
N VAL B 107 -15.36 -22.51 -3.65
CA VAL B 107 -15.53 -21.10 -4.10
C VAL B 107 -14.14 -20.53 -4.28
N LYS B 108 -13.96 -19.58 -5.20
CA LYS B 108 -12.64 -18.96 -5.38
C LYS B 108 -12.46 -17.98 -4.21
N MET B 109 -11.30 -17.98 -3.59
CA MET B 109 -10.99 -17.01 -2.50
C MET B 109 -10.64 -15.64 -3.11
N THR B 110 -11.66 -14.78 -3.16
CA THR B 110 -11.64 -13.45 -3.76
C THR B 110 -12.46 -12.51 -2.89
N PRO B 111 -12.19 -11.19 -2.93
CA PRO B 111 -13.03 -10.21 -2.24
C PRO B 111 -14.53 -10.34 -2.56
N GLU B 112 -14.86 -10.62 -3.82
CA GLU B 112 -16.28 -10.82 -4.24
C GLU B 112 -16.92 -11.93 -3.42
N ASN B 113 -16.16 -12.96 -3.06
CA ASN B 113 -16.65 -14.11 -2.28
C ASN B 113 -16.31 -13.94 -0.78
N GLY B 114 -15.86 -12.76 -0.36
CA GLY B 114 -15.72 -12.45 1.08
C GLY B 114 -14.34 -12.80 1.64
N PHE B 115 -13.31 -12.86 0.84
CA PHE B 115 -11.92 -13.15 1.30
C PHE B 115 -10.96 -12.05 0.83
N TRP B 116 -10.14 -11.52 1.75
CA TRP B 116 -9.03 -10.59 1.43
C TRP B 116 -7.73 -11.17 1.95
N THR B 117 -6.97 -11.80 1.09
CA THR B 117 -5.79 -12.59 1.48
C THR B 117 -4.68 -12.39 0.44
N VAL B 118 -3.46 -12.51 0.90
CA VAL B 118 -2.24 -12.40 0.05
C VAL B 118 -1.32 -13.50 0.50
N GLY B 119 -0.39 -13.91 -0.33
CA GLY B 119 0.61 -14.85 0.18
C GLY B 119 1.54 -15.33 -0.88
N LEU B 120 2.06 -16.53 -0.66
CA LEU B 120 3.25 -17.06 -1.39
C LEU B 120 2.93 -18.44 -1.92
N THR B 121 3.38 -18.72 -3.14
CA THR B 121 3.27 -20.07 -3.74
C THR B 121 4.64 -20.46 -4.30
N ASP B 122 5.03 -21.72 -4.06
CA ASP B 122 6.24 -22.32 -4.69
C ASP B 122 7.45 -21.46 -4.35
N GLY B 123 7.52 -20.96 -3.11
CA GLY B 123 8.71 -20.31 -2.56
C GLY B 123 8.96 -18.91 -3.10
N SER B 124 8.50 -18.54 -4.28
CA SER B 124 8.91 -17.22 -4.81
C SER B 124 7.77 -16.41 -5.43
N LYS B 125 6.56 -16.96 -5.57
CA LYS B 125 5.44 -16.30 -6.30
C LYS B 125 4.49 -15.66 -5.28
N TYR B 126 4.67 -14.37 -5.01
CA TYR B 126 3.76 -13.60 -4.13
C TYR B 126 2.56 -13.18 -4.94
N ARG B 127 1.35 -13.35 -4.41
CA ARG B 127 0.12 -12.87 -5.10
C ARG B 127 -0.80 -12.20 -4.07
N ALA B 128 -1.61 -11.26 -4.52
CA ALA B 128 -2.84 -10.89 -3.80
C ALA B 128 -3.96 -11.73 -4.41
N LEU B 129 -4.85 -12.24 -3.59
CA LEU B 129 -5.89 -13.15 -4.11
C LEU B 129 -7.13 -12.30 -4.45
N SER B 130 -6.85 -11.31 -5.30
CA SER B 130 -7.84 -10.54 -6.06
C SER B 130 -8.36 -11.43 -7.19
N ASP B 131 -9.36 -10.92 -7.92
CA ASP B 131 -9.93 -11.60 -9.11
C ASP B 131 -9.87 -10.64 -10.28
N PRO B 132 -8.95 -10.85 -11.25
CA PRO B 132 -8.01 -11.97 -11.21
C PRO B 132 -6.90 -11.72 -10.17
N ARG B 133 -6.08 -12.74 -9.93
CA ARG B 133 -4.96 -12.66 -8.97
C ARG B 133 -3.98 -11.58 -9.44
N THR B 134 -3.38 -10.87 -8.49
CA THR B 134 -2.38 -9.81 -8.71
C THR B 134 -1.01 -10.41 -8.40
N LYS B 135 -0.13 -10.50 -9.40
CA LYS B 135 1.27 -10.90 -9.14
C LYS B 135 1.93 -9.73 -8.42
N LEU B 136 2.58 -10.01 -7.29
CA LEU B 136 3.31 -8.98 -6.57
C LEU B 136 4.80 -9.10 -6.93
N THR B 137 5.50 -8.00 -6.80
CA THR B 137 6.97 -7.96 -6.87
C THR B 137 7.48 -7.60 -5.49
N VAL B 138 8.12 -8.53 -4.78
CA VAL B 138 8.59 -8.35 -3.38
C VAL B 138 10.11 -8.45 -3.34
N ALA B 139 10.82 -7.33 -3.19
CA ALA B 139 12.30 -7.27 -3.26
C ALA B 139 12.91 -8.02 -2.06
N ASN B 140 12.28 -7.91 -0.91
CA ASN B 140 12.74 -8.58 0.34
C ASN B 140 11.63 -9.50 0.85
N PRO B 141 11.75 -10.80 0.55
CA PRO B 141 10.81 -11.81 1.05
C PRO B 141 10.59 -11.71 2.55
N PRO B 142 9.35 -11.51 3.02
CA PRO B 142 9.11 -11.31 4.43
C PRO B 142 9.21 -12.61 5.23
N GLN B 143 9.72 -12.49 6.46
CA GLN B 143 9.73 -13.55 7.49
C GLN B 143 8.55 -13.34 8.45
N ARG B 144 8.08 -12.10 8.56
CA ARG B 144 6.98 -11.79 9.48
C ARG B 144 6.11 -10.78 8.75
N VAL B 145 4.81 -11.06 8.70
CA VAL B 145 3.86 -10.24 7.91
C VAL B 145 2.84 -9.61 8.86
N GLY B 146 2.67 -8.29 8.78
CA GLY B 146 1.64 -7.58 9.52
C GLY B 146 0.39 -7.44 8.68
N VAL B 147 -0.74 -7.86 9.25
CA VAL B 147 -2.09 -7.76 8.65
C VAL B 147 -2.82 -6.59 9.32
N PHE B 148 -3.28 -5.65 8.51
CA PHE B 148 -3.84 -4.36 8.94
C PHE B 148 -5.27 -4.25 8.41
N LEU B 149 -6.22 -4.12 9.31
CA LEU B 149 -7.63 -3.94 8.94
C LEU B 149 -8.15 -2.58 9.44
N ASP B 150 -8.87 -1.88 8.57
CA ASP B 150 -9.69 -0.71 8.98
C ASP B 150 -11.12 -0.97 8.51
N TYR B 151 -11.98 -1.43 9.42
CA TYR B 151 -13.35 -1.85 9.07
C TYR B 151 -14.10 -0.70 8.42
N GLU B 152 -14.02 0.48 9.01
CA GLU B 152 -14.88 1.62 8.62
C GLU B 152 -14.54 2.07 7.20
N THR B 153 -13.29 1.91 6.76
CA THR B 153 -12.87 2.44 5.45
C THR B 153 -12.68 1.31 4.49
N GLY B 154 -12.97 0.08 4.90
CA GLY B 154 -12.91 -1.07 4.00
C GLY B 154 -11.50 -1.34 3.53
N GLU B 155 -10.56 -1.25 4.45
CA GLU B 155 -9.12 -1.32 4.11
C GLU B 155 -8.48 -2.56 4.69
N VAL B 156 -7.82 -3.32 3.85
CA VAL B 156 -7.01 -4.51 4.22
C VAL B 156 -5.65 -4.35 3.58
N SER B 157 -4.62 -4.25 4.39
CA SER B 157 -3.22 -4.05 3.94
C SER B 157 -2.26 -4.95 4.69
N PHE B 158 -1.09 -5.17 4.06
CA PHE B 158 -0.09 -6.15 4.50
C PHE B 158 1.28 -5.50 4.41
N TYR B 159 2.08 -5.71 5.45
CA TYR B 159 3.44 -5.13 5.57
C TYR B 159 4.43 -6.22 5.92
N ASN B 160 5.70 -5.96 5.56
CA ASN B 160 6.85 -6.69 6.13
C ASN B 160 7.06 -6.14 7.53
N ALA B 161 6.79 -6.93 8.55
CA ALA B 161 6.78 -6.46 9.95
C ALA B 161 8.20 -6.26 10.50
N MET B 162 9.21 -6.75 9.79
CA MET B 162 10.62 -6.62 10.26
C MET B 162 11.22 -5.31 9.73
N ASP B 163 10.92 -4.88 8.50
CA ASP B 163 11.57 -3.68 7.89
C ASP B 163 10.52 -2.61 7.58
N GLY B 164 9.23 -2.86 7.79
CA GLY B 164 8.20 -1.83 7.60
C GLY B 164 7.81 -1.63 6.14
N SER B 165 8.39 -2.40 5.20
CA SER B 165 8.04 -2.21 3.78
C SER B 165 6.62 -2.72 3.54
N HIS B 166 5.91 -1.99 2.69
CA HIS B 166 4.54 -2.34 2.32
C HIS B 166 4.59 -3.51 1.35
N ILE B 167 3.60 -4.41 1.45
CA ILE B 167 3.43 -5.53 0.50
C ILE B 167 2.22 -5.25 -0.41
N TYR B 168 1.05 -4.99 0.12
CA TYR B 168 -0.20 -4.97 -0.69
C TYR B 168 -1.29 -4.29 0.10
N THR B 169 -2.10 -3.50 -0.61
CA THR B 169 -3.34 -2.89 -0.08
C THR B 169 -4.44 -3.24 -1.07
N PHE B 170 -5.51 -3.93 -0.62
CA PHE B 170 -6.68 -4.14 -1.50
C PHE B 170 -7.33 -2.80 -1.81
N PRO B 171 -8.07 -2.68 -2.93
CA PRO B 171 -8.92 -1.51 -3.08
C PRO B 171 -9.83 -1.39 -1.84
N HIS B 172 -10.08 -0.15 -1.41
CA HIS B 172 -11.11 0.15 -0.38
C HIS B 172 -12.43 -0.46 -0.82
N THR B 173 -13.10 -1.13 0.10
CA THR B 173 -14.40 -1.82 -0.16
C THR B 173 -15.41 -1.42 0.90
N PHE B 174 -16.57 -2.08 0.86
CA PHE B 174 -17.56 -2.05 1.97
C PHE B 174 -17.73 -3.48 2.48
N PHE B 175 -17.55 -3.67 3.80
CA PHE B 175 -17.62 -5.00 4.41
C PHE B 175 -19.06 -5.32 4.79
N SER B 176 -19.41 -6.59 4.71
CA SER B 176 -20.72 -7.11 5.18
C SER B 176 -20.46 -8.01 6.38
N GLY B 177 -20.90 -7.57 7.54
CA GLY B 177 -20.87 -8.43 8.72
C GLY B 177 -19.46 -8.51 9.27
N PRO B 178 -19.24 -9.43 10.23
CA PRO B 178 -17.96 -9.57 10.91
C PRO B 178 -16.88 -10.08 9.96
N LEU B 179 -15.65 -9.67 10.25
CA LEU B 179 -14.44 -10.17 9.59
C LEU B 179 -13.64 -10.98 10.60
N TRP B 180 -13.17 -12.14 10.14
CA TRP B 180 -12.32 -13.08 10.89
C TRP B 180 -10.93 -13.08 10.32
N PRO B 181 -9.90 -13.14 11.17
CA PRO B 181 -8.57 -13.54 10.74
C PRO B 181 -8.69 -14.91 10.04
N VAL B 182 -8.07 -15.05 8.86
CA VAL B 182 -8.10 -16.37 8.15
C VAL B 182 -6.66 -16.72 7.73
N PHE B 183 -6.39 -18.01 7.69
CA PHE B 183 -5.04 -18.62 7.43
C PHE B 183 -5.23 -19.83 6.55
N ARG B 184 -4.45 -19.94 5.48
CA ARG B 184 -4.56 -21.06 4.53
C ARG B 184 -3.17 -21.59 4.27
N ILE B 185 -2.99 -22.90 4.37
CA ILE B 185 -1.75 -23.57 3.88
C ILE B 185 -2.12 -24.81 3.09
N LEU B 186 -1.47 -24.98 1.95
CA LEU B 186 -1.86 -26.07 1.00
C LEU B 186 -0.85 -27.20 1.10
N THR B 187 0.38 -26.88 1.52
CA THR B 187 1.47 -27.85 1.35
C THR B 187 1.95 -28.38 2.69
N LEU B 188 2.61 -29.53 2.60
CA LEU B 188 3.36 -30.17 3.69
C LEU B 188 4.76 -29.56 3.67
N GLU B 189 5.15 -28.82 4.70
CA GLU B 189 6.44 -28.07 4.80
C GLU B 189 6.91 -28.19 6.24
N PRO B 190 8.24 -28.20 6.47
CA PRO B 190 8.80 -28.17 7.82
C PRO B 190 8.38 -26.96 8.67
N THR B 191 8.28 -25.76 8.10
CA THR B 191 8.09 -24.50 8.87
C THR B 191 6.59 -24.25 9.06
N ALA B 192 6.14 -24.16 10.30
CA ALA B 192 4.76 -23.80 10.67
C ALA B 192 4.54 -22.30 10.41
N LEU B 193 3.28 -21.87 10.29
CA LEU B 193 2.92 -20.45 10.50
C LEU B 193 2.73 -20.24 11.99
N THR B 194 3.25 -19.16 12.56
CA THR B 194 3.07 -18.85 13.98
C THR B 194 2.58 -17.41 14.16
N ILE B 195 1.44 -17.27 14.79
CA ILE B 195 0.92 -15.93 15.15
C ILE B 195 1.79 -15.32 16.27
N CYS B 196 2.26 -14.10 16.09
CA CYS B 196 2.87 -13.30 17.19
C CYS B 196 1.79 -12.80 18.15
N PRO B 197 1.95 -13.05 19.46
CA PRO B 197 1.05 -12.51 20.44
C PRO B 197 1.11 -10.98 20.50
N ALA B 198 0.02 -10.37 20.93
CA ALA B 198 -0.11 -8.90 21.08
C ALA B 198 0.95 -8.37 22.07
#